data_5HVP
#
_entry.id   5HVP
#
_cell.length_a   58.390
_cell.length_b   86.700
_cell.length_c   46.270
_cell.angle_alpha   90.00
_cell.angle_beta   90.00
_cell.angle_gamma   90.00
#
_symmetry.space_group_name_H-M   'P 21 21 2'
#
loop_
_entity.id
_entity.type
_entity.pdbx_description
1 polymer 'HIV-1 PROTEASE'
2 polymer ACETYL-*PEPSTATIN
3 non-polymer 'CHLORIDE ION'
4 water water
#
loop_
_entity_poly.entity_id
_entity_poly.type
_entity_poly.pdbx_seq_one_letter_code
_entity_poly.pdbx_strand_id
1 'polypeptide(L)'
;PQITLWQRPLVTIKIGGQLKEALLDTGADDTVLEEMNLPGRWKPKMIGGIGGFIKVRQYDQILIEICGHKAIGTVLVGPT
PVNIIGRNLLTQIGCTLNF
;
A,B
2 'polypeptide(L)' (ACE)VV(STA)A(STA) C
#
loop_
_chem_comp.id
_chem_comp.type
_chem_comp.name
_chem_comp.formula
ACE non-polymer 'ACETYL GROUP' 'C2 H4 O'
CL non-polymer 'CHLORIDE ION' 'Cl -1'
STA peptide-like STATINE 'C8 H17 N O3'
#
# COMPACT_ATOMS: atom_id res chain seq x y z
N PRO A 1 -17.34 8.04 1.45
CA PRO A 1 -17.61 7.31 0.21
C PRO A 1 -17.03 5.89 0.32
N GLN A 2 -17.55 5.00 -0.51
CA GLN A 2 -17.05 3.62 -0.52
C GLN A 2 -16.29 3.51 -1.84
N ILE A 3 -15.00 3.34 -1.74
CA ILE A 3 -14.16 3.24 -2.97
C ILE A 3 -13.93 1.77 -3.26
N THR A 4 -14.13 1.35 -4.50
CA THR A 4 -13.83 -0.04 -4.90
C THR A 4 -12.39 -0.01 -5.40
N LEU A 5 -11.79 -1.17 -5.52
CA LEU A 5 -10.37 -1.28 -5.91
C LEU A 5 -10.13 -1.84 -7.27
N TRP A 6 -11.05 -1.61 -8.19
CA TRP A 6 -10.91 -2.03 -9.60
C TRP A 6 -9.84 -1.11 -10.16
N GLN A 7 -9.81 0.10 -9.60
CA GLN A 7 -8.74 1.04 -10.07
C GLN A 7 -7.87 1.48 -8.88
N ARG A 8 -6.81 2.19 -9.22
CA ARG A 8 -6.04 2.76 -8.07
C ARG A 8 -6.92 3.73 -7.33
N PRO A 9 -6.97 3.55 -6.01
CA PRO A 9 -7.77 4.47 -5.19
C PRO A 9 -7.08 5.83 -5.12
N LEU A 10 -7.22 6.72 -6.08
CA LEU A 10 -6.64 8.05 -6.11
C LEU A 10 -7.67 9.11 -5.73
N VAL A 11 -7.25 10.08 -4.91
CA VAL A 11 -8.23 11.14 -4.49
C VAL A 11 -7.46 12.47 -4.60
N THR A 12 -8.11 13.60 -4.45
CA THR A 12 -7.40 14.90 -4.56
C THR A 12 -7.17 15.33 -3.12
N ILE A 13 -5.98 15.82 -2.87
CA ILE A 13 -5.64 16.32 -1.54
C ILE A 13 -5.32 17.81 -1.78
N LYS A 14 -5.56 18.53 -0.73
CA LYS A 14 -5.25 19.96 -0.67
C LYS A 14 -4.20 20.05 0.47
N ILE A 15 -3.00 20.39 0.02
CA ILE A 15 -1.88 20.54 0.92
C ILE A 15 -1.11 21.83 0.65
N GLY A 16 -1.25 22.71 1.61
CA GLY A 16 -0.56 24.02 1.58
C GLY A 16 -0.94 24.80 0.32
N GLY A 17 -2.26 24.88 0.21
CA GLY A 17 -2.89 25.57 -0.90
C GLY A 17 -2.77 24.88 -2.23
N GLN A 18 -2.04 23.80 -2.30
CA GLN A 18 -1.87 23.05 -3.56
C GLN A 18 -2.83 21.87 -3.57
N LEU A 19 -3.39 21.66 -4.74
CA LEU A 19 -4.35 20.54 -4.96
C LEU A 19 -3.52 19.44 -5.62
N LYS A 20 -3.52 18.27 -5.02
CA LYS A 20 -2.73 17.14 -5.51
C LYS A 20 -3.56 15.86 -5.52
N GLU A 21 -2.93 14.90 -6.17
CA GLU A 21 -3.53 13.58 -6.33
C GLU A 21 -2.71 12.61 -5.47
N ALA A 22 -3.41 11.79 -4.74
CA ALA A 22 -2.59 10.82 -3.95
C ALA A 22 -3.36 9.53 -3.84
N LEU A 23 -2.62 8.47 -3.61
CA LEU A 23 -2.99 7.10 -3.41
C LEU A 23 -3.36 6.82 -1.95
N LEU A 24 -4.49 6.24 -1.70
CA LEU A 24 -4.88 5.84 -0.34
C LEU A 24 -4.20 4.44 -0.22
N ASP A 25 -3.11 4.42 0.49
CA ASP A 25 -2.35 3.13 0.65
C ASP A 25 -2.47 2.58 2.04
N THR A 26 -3.16 1.46 2.25
CA THR A 26 -3.32 0.81 3.52
C THR A 26 -2.03 0.01 3.80
N GLY A 27 -1.15 0.02 2.82
CA GLY A 27 0.13 -0.72 2.98
C GLY A 27 1.26 0.23 3.30
N ALA A 28 1.03 1.43 3.60
CA ALA A 28 1.98 2.49 3.93
C ALA A 28 1.78 2.91 5.41
N ASP A 29 2.85 2.77 6.17
CA ASP A 29 2.63 3.22 7.59
C ASP A 29 2.44 4.74 7.65
N ASP A 30 3.15 5.41 6.73
CA ASP A 30 3.22 6.86 6.71
C ASP A 30 2.93 7.46 5.32
N THR A 31 2.55 8.74 5.42
CA THR A 31 2.21 9.50 4.19
C THR A 31 3.54 9.99 3.65
N VAL A 32 3.72 9.75 2.35
CA VAL A 32 4.95 10.21 1.69
C VAL A 32 4.52 11.02 0.46
N LEU A 33 4.96 12.25 0.43
CA LEU A 33 4.63 13.14 -0.70
C LEU A 33 5.80 13.35 -1.63
N GLU A 34 5.49 13.71 -2.88
CA GLU A 34 6.63 13.92 -3.82
C GLU A 34 7.27 15.23 -3.39
N GLU A 35 8.55 15.40 -3.67
CA GLU A 35 9.35 16.57 -3.37
C GLU A 35 8.67 17.92 -3.42
N MET A 36 8.72 18.65 -2.34
CA MET A 36 8.14 19.95 -2.18
C MET A 36 8.62 20.53 -0.85
N ASN A 37 8.51 21.84 -0.88
CA ASN A 37 8.85 22.69 0.25
C ASN A 37 7.60 22.90 1.12
N LEU A 38 7.76 22.48 2.34
CA LEU A 38 6.79 22.54 3.40
C LEU A 38 7.54 23.37 4.48
N PRO A 39 6.80 24.21 5.12
CA PRO A 39 7.36 25.08 6.17
C PRO A 39 7.52 24.28 7.45
N GLY A 40 8.42 24.83 8.27
CA GLY A 40 8.68 24.16 9.59
C GLY A 40 10.02 23.41 9.37
N ARG A 41 10.55 22.99 10.50
CA ARG A 41 11.83 22.28 10.48
C ARG A 41 11.53 20.81 10.16
N TRP A 42 12.55 20.12 9.71
CA TRP A 42 12.40 18.70 9.36
C TRP A 42 13.57 17.87 9.84
N LYS A 43 13.29 16.57 9.85
CA LYS A 43 14.26 15.54 10.25
C LYS A 43 14.32 14.48 9.14
N PRO A 44 15.52 14.04 8.84
CA PRO A 44 15.78 13.02 7.83
C PRO A 44 15.39 11.68 8.46
N LYS A 45 14.87 10.87 7.61
CA LYS A 45 14.35 9.54 7.90
C LYS A 45 14.56 8.77 6.61
N MET A 46 14.58 7.50 6.78
CA MET A 46 14.71 6.51 5.74
C MET A 46 13.42 5.66 5.80
N ILE A 47 12.83 5.48 4.62
CA ILE A 47 11.63 4.60 4.56
C ILE A 47 11.88 3.55 3.50
N GLY A 48 11.41 2.36 3.72
CA GLY A 48 11.64 1.26 2.80
C GLY A 48 10.40 0.73 2.18
N GLY A 49 10.68 -0.18 1.27
CA GLY A 49 9.59 -0.86 0.54
C GLY A 49 10.18 -1.70 -0.57
N ILE A 50 9.30 -1.85 -1.58
CA ILE A 50 9.77 -2.65 -2.72
C ILE A 50 10.84 -1.81 -3.41
N GLY A 51 11.99 -2.47 -3.57
CA GLY A 51 13.12 -1.78 -4.23
C GLY A 51 14.09 -1.18 -3.21
N GLY A 52 13.79 -1.26 -1.94
CA GLY A 52 14.75 -0.71 -0.94
C GLY A 52 14.31 0.55 -0.25
N PHE A 53 15.24 1.35 0.22
CA PHE A 53 15.04 2.55 0.98
C PHE A 53 15.33 3.84 0.29
N ILE A 54 14.53 4.87 0.54
CA ILE A 54 14.71 6.22 0.09
C ILE A 54 14.83 7.09 1.40
N LYS A 55 15.52 8.17 1.29
CA LYS A 55 15.77 9.15 2.38
C LYS A 55 14.65 10.20 2.17
N VAL A 56 13.99 10.61 3.20
CA VAL A 56 12.89 11.58 3.08
C VAL A 56 13.09 12.61 4.23
N ARG A 57 12.42 13.72 4.10
CA ARG A 57 12.44 14.75 5.19
C ARG A 57 11.10 14.59 5.91
N GLN A 58 11.10 14.43 7.20
CA GLN A 58 9.87 14.27 7.97
C GLN A 58 9.40 15.60 8.57
N TYR A 59 8.18 15.99 8.32
CA TYR A 59 7.57 17.20 8.87
C TYR A 59 6.40 16.69 9.76
N ASP A 60 6.34 17.32 10.92
CA ASP A 60 5.33 16.93 11.93
C ASP A 60 4.18 17.92 11.86
N GLN A 61 3.05 17.40 12.29
CA GLN A 61 1.80 18.14 12.34
C GLN A 61 1.56 19.03 11.13
N ILE A 62 1.42 18.42 9.98
CA ILE A 62 1.07 19.11 8.73
C ILE A 62 -0.45 18.88 8.60
N LEU A 63 -1.15 19.85 8.04
CA LEU A 63 -2.62 19.69 7.84
C LEU A 63 -2.86 19.33 6.38
N ILE A 64 -3.63 18.32 6.13
CA ILE A 64 -3.96 17.86 4.77
C ILE A 64 -5.49 17.65 4.81
N GLU A 65 -6.08 17.96 3.69
CA GLU A 65 -7.53 17.73 3.56
C GLU A 65 -7.60 16.58 2.54
N ILE A 66 -8.11 15.47 2.99
CA ILE A 66 -8.26 14.32 2.09
C ILE A 66 -9.74 14.21 1.73
N CYS A 67 -10.02 14.54 0.46
CA CYS A 67 -11.43 14.41 0.04
C CYS A 67 -12.31 15.26 0.96
N GLY A 68 -11.85 16.48 1.22
CA GLY A 68 -12.62 17.40 2.02
C GLY A 68 -12.39 17.30 3.51
N HIS A 69 -12.05 16.15 4.04
CA HIS A 69 -11.80 16.04 5.49
C HIS A 69 -10.37 16.45 5.85
N LYS A 70 -10.28 17.10 7.01
CA LYS A 70 -9.02 17.57 7.55
C LYS A 70 -8.39 16.50 8.44
N ALA A 71 -7.06 16.47 8.29
CA ALA A 71 -6.23 15.52 9.03
C ALA A 71 -4.90 16.18 9.37
N ILE A 72 -4.39 15.90 10.56
CA ILE A 72 -3.08 16.44 10.96
C ILE A 72 -2.20 15.19 11.18
N GLY A 73 -0.94 15.32 10.77
CA GLY A 73 -0.02 14.21 10.95
C GLY A 73 1.36 14.47 10.38
N THR A 74 2.20 13.45 10.48
CA THR A 74 3.56 13.47 9.93
C THR A 74 3.38 13.29 8.42
N VAL A 75 4.28 13.97 7.73
CA VAL A 75 4.24 13.97 6.25
C VAL A 75 5.70 13.84 5.88
N LEU A 76 6.07 12.85 5.12
CA LEU A 76 7.45 12.63 4.67
C LEU A 76 7.43 13.16 3.23
N VAL A 77 8.50 13.71 2.76
CA VAL A 77 8.64 14.26 1.40
C VAL A 77 9.97 13.68 0.88
N GLY A 78 9.88 13.14 -0.34
CA GLY A 78 11.09 12.46 -0.87
C GLY A 78 10.86 12.04 -2.30
N PRO A 79 11.84 11.35 -2.86
CA PRO A 79 11.75 10.94 -4.27
C PRO A 79 10.80 9.81 -4.50
N THR A 80 9.56 9.97 -4.12
CA THR A 80 8.51 8.97 -4.27
C THR A 80 7.84 9.12 -5.65
N PRO A 81 7.58 7.97 -6.29
CA PRO A 81 6.97 7.92 -7.60
C PRO A 81 5.56 8.45 -7.59
N VAL A 82 4.89 8.40 -6.47
CA VAL A 82 3.48 8.90 -6.41
C VAL A 82 3.23 9.45 -5.01
N ASN A 83 2.28 10.32 -4.87
CA ASN A 83 1.92 10.83 -3.54
C ASN A 83 1.16 9.67 -2.87
N ILE A 84 1.51 9.47 -1.58
CA ILE A 84 0.84 8.35 -0.91
C ILE A 84 0.30 8.77 0.44
N ILE A 85 -0.98 8.50 0.65
CA ILE A 85 -1.63 8.74 1.93
C ILE A 85 -1.51 7.41 2.72
N GLY A 86 -0.79 7.48 3.84
CA GLY A 86 -0.63 6.27 4.65
C GLY A 86 -1.57 6.21 5.85
N ARG A 87 -1.41 5.14 6.59
CA ARG A 87 -2.24 4.76 7.76
C ARG A 87 -2.40 5.88 8.77
N ASN A 88 -1.35 6.61 9.00
CA ASN A 88 -1.25 7.74 9.94
C ASN A 88 -2.32 8.80 9.71
N LEU A 89 -2.74 9.09 8.50
CA LEU A 89 -3.74 10.04 8.10
C LEU A 89 -5.04 9.34 7.75
N LEU A 90 -4.99 8.12 7.26
CA LEU A 90 -6.21 7.38 6.92
C LEU A 90 -7.09 7.17 8.15
N THR A 91 -6.45 6.83 9.24
CA THR A 91 -7.15 6.65 10.50
C THR A 91 -7.92 7.93 10.86
N GLN A 92 -7.27 9.06 10.62
CA GLN A 92 -7.77 10.38 10.94
C GLN A 92 -9.09 10.76 10.32
N ILE A 93 -9.34 10.28 9.12
CA ILE A 93 -10.54 10.50 8.35
C ILE A 93 -11.51 9.35 8.62
N GLY A 94 -11.19 8.33 9.38
CA GLY A 94 -12.20 7.27 9.62
C GLY A 94 -12.19 6.21 8.53
N CYS A 95 -11.02 6.11 7.84
CA CYS A 95 -10.94 5.09 6.83
C CYS A 95 -10.89 3.66 7.37
N THR A 96 -11.67 2.79 6.77
CA THR A 96 -11.67 1.37 7.09
C THR A 96 -11.63 0.55 5.78
N LEU A 97 -11.30 -0.70 5.94
CA LEU A 97 -11.23 -1.72 4.88
C LEU A 97 -12.38 -2.69 5.25
N ASN A 98 -13.28 -2.96 4.31
CA ASN A 98 -14.37 -3.86 4.69
C ASN A 98 -14.51 -4.99 3.64
N PHE A 99 -14.90 -6.14 4.12
CA PHE A 99 -15.22 -7.27 3.22
C PHE A 99 -15.97 -8.39 3.98
N PRO B 1 -15.62 -8.51 7.60
CA PRO B 1 -15.16 -7.78 8.78
C PRO B 1 -14.84 -6.36 8.33
N GLN B 2 -14.66 -5.51 9.31
CA GLN B 2 -14.33 -4.10 9.01
C GLN B 2 -12.97 -3.92 9.68
N ILE B 3 -11.98 -3.51 8.92
CA ILE B 3 -10.59 -3.36 9.47
C ILE B 3 -10.14 -1.93 9.64
N THR B 4 -9.75 -1.54 10.84
CA THR B 4 -9.29 -0.15 11.08
C THR B 4 -7.82 -0.05 10.73
N LEU B 5 -7.26 1.13 10.66
CA LEU B 5 -5.84 1.26 10.24
C LEU B 5 -4.89 1.73 11.31
N TRP B 6 -5.22 1.51 12.56
CA TRP B 6 -4.43 1.90 13.71
C TRP B 6 -3.18 1.03 13.71
N GLN B 7 -3.35 -0.17 13.23
CA GLN B 7 -2.22 -1.13 13.16
C GLN B 7 -2.18 -1.63 11.73
N ARG B 8 -1.06 -2.16 11.28
CA ARG B 8 -0.96 -2.65 9.87
C ARG B 8 -2.08 -3.63 9.69
N PRO B 9 -2.82 -3.52 8.58
CA PRO B 9 -3.90 -4.50 8.33
C PRO B 9 -3.38 -5.87 7.93
N LEU B 10 -2.91 -6.68 8.88
CA LEU B 10 -2.38 -8.02 8.70
C LEU B 10 -3.46 -9.09 8.81
N VAL B 11 -3.52 -9.97 7.83
CA VAL B 11 -4.49 -11.06 7.84
C VAL B 11 -3.72 -12.40 7.62
N THR B 12 -4.40 -13.48 7.95
CA THR B 12 -3.85 -14.82 7.76
C THR B 12 -4.35 -15.28 6.37
N ILE B 13 -3.44 -15.81 5.59
CA ILE B 13 -3.79 -16.30 4.24
C ILE B 13 -3.38 -17.75 4.26
N LYS B 14 -4.03 -18.58 3.50
CA LYS B 14 -3.66 -20.02 3.46
C LYS B 14 -3.23 -20.22 2.01
N ILE B 15 -2.00 -20.72 1.82
CA ILE B 15 -1.54 -20.95 0.43
C ILE B 15 -0.72 -22.23 0.51
N GLY B 16 -0.98 -23.18 -0.36
CA GLY B 16 -0.31 -24.46 -0.37
C GLY B 16 -0.53 -25.21 0.96
N GLY B 17 -1.69 -25.03 1.59
CA GLY B 17 -2.00 -25.73 2.84
C GLY B 17 -1.24 -25.10 4.00
N GLN B 18 -0.47 -24.06 3.75
CA GLN B 18 0.31 -23.31 4.73
C GLN B 18 -0.37 -21.98 5.13
N LEU B 19 -0.21 -21.58 6.37
CA LEU B 19 -0.76 -20.31 6.87
C LEU B 19 0.42 -19.30 6.81
N LYS B 20 0.08 -18.10 6.42
CA LYS B 20 1.05 -16.98 6.31
C LYS B 20 0.28 -15.69 6.68
N GLU B 21 0.99 -14.65 7.03
CA GLU B 21 0.46 -13.34 7.34
C GLU B 21 0.74 -12.49 6.08
N ALA B 22 -0.24 -11.68 5.75
CA ALA B 22 -0.08 -10.80 4.59
C ALA B 22 -0.83 -9.50 4.89
N LEU B 23 -0.33 -8.49 4.31
CA LEU B 23 -0.88 -7.11 4.49
C LEU B 23 -1.94 -6.83 3.43
N LEU B 24 -3.09 -6.32 3.77
CA LEU B 24 -4.09 -5.94 2.71
C LEU B 24 -3.58 -4.55 2.29
N ASP B 25 -3.20 -4.43 1.03
CA ASP B 25 -2.54 -3.20 0.56
C ASP B 25 -3.16 -2.56 -0.66
N THR B 26 -3.99 -1.52 -0.37
CA THR B 26 -4.70 -0.85 -1.45
C THR B 26 -3.73 -0.10 -2.34
N GLY B 27 -2.50 0.08 -1.88
CA GLY B 27 -1.58 0.84 -2.78
C GLY B 27 -0.83 -0.16 -3.65
N ALA B 28 -1.23 -1.43 -3.70
CA ALA B 28 -0.57 -2.41 -4.53
C ALA B 28 -1.47 -2.95 -5.59
N ASP B 29 -1.09 -2.76 -6.84
CA ASP B 29 -1.83 -3.27 -7.99
C ASP B 29 -1.86 -4.82 -7.89
N ASP B 30 -0.69 -5.34 -7.57
CA ASP B 30 -0.48 -6.82 -7.58
C ASP B 30 -0.27 -7.43 -6.23
N THR B 31 -0.32 -8.76 -6.17
CA THR B 31 -0.08 -9.51 -4.93
C THR B 31 1.38 -10.03 -5.03
N VAL B 32 2.22 -9.74 -4.07
CA VAL B 32 3.63 -10.14 -3.97
C VAL B 32 3.83 -10.86 -2.63
N LEU B 33 4.31 -12.05 -2.69
CA LEU B 33 4.61 -12.92 -1.59
C LEU B 33 6.15 -13.12 -1.53
N GLU B 34 6.58 -13.28 -0.27
CA GLU B 34 8.04 -13.54 -0.08
C GLU B 34 8.34 -14.90 -0.72
N GLU B 35 9.61 -15.08 -1.07
CA GLU B 35 10.09 -16.31 -1.68
C GLU B 35 9.41 -17.55 -1.10
N MET B 36 8.84 -18.35 -2.02
CA MET B 36 8.17 -19.58 -1.66
C MET B 36 8.03 -20.51 -2.85
N ASN B 37 7.90 -21.80 -2.56
CA ASN B 37 7.78 -22.78 -3.66
C ASN B 37 6.35 -22.72 -4.21
N LEU B 38 6.23 -22.35 -5.48
CA LEU B 38 4.85 -22.35 -6.05
C LEU B 38 4.89 -23.32 -7.24
N PRO B 39 3.74 -23.84 -7.59
CA PRO B 39 3.59 -24.79 -8.68
C PRO B 39 3.38 -24.16 -10.04
N GLY B 40 4.08 -24.77 -10.98
CA GLY B 40 4.01 -24.43 -12.41
C GLY B 40 5.13 -23.53 -12.89
N ARG B 41 4.95 -22.99 -14.08
CA ARG B 41 5.90 -22.10 -14.72
C ARG B 41 5.63 -20.67 -14.24
N TRP B 42 6.68 -19.92 -14.26
CA TRP B 42 6.57 -18.49 -13.87
C TRP B 42 7.06 -17.73 -15.10
N LYS B 43 6.63 -16.48 -15.09
CA LYS B 43 7.06 -15.61 -16.23
C LYS B 43 7.64 -14.39 -15.54
N PRO B 44 8.52 -13.67 -16.18
CA PRO B 44 9.20 -12.50 -15.65
C PRO B 44 8.29 -11.28 -15.55
N LYS B 45 8.46 -10.48 -14.50
CA LYS B 45 7.65 -9.30 -14.31
C LYS B 45 8.46 -8.29 -13.50
N MET B 46 8.42 -7.07 -13.90
CA MET B 46 9.13 -5.97 -13.23
C MET B 46 8.07 -5.17 -12.48
N ILE B 47 8.36 -4.75 -11.26
CA ILE B 47 7.41 -3.96 -10.49
C ILE B 47 8.16 -2.78 -9.88
N GLY B 48 7.43 -1.70 -9.66
CA GLY B 48 8.06 -0.47 -9.05
C GLY B 48 7.56 -0.37 -7.61
N GLY B 49 8.36 0.19 -6.74
CA GLY B 49 8.04 0.35 -5.32
C GLY B 49 8.58 1.70 -4.95
N ILE B 50 8.60 1.89 -3.63
CA ILE B 50 9.12 3.18 -3.12
C ILE B 50 10.60 3.28 -3.44
N GLY B 51 11.30 2.16 -3.38
CA GLY B 51 12.76 2.18 -3.63
C GLY B 51 13.21 2.09 -5.06
N GLY B 52 12.42 1.64 -5.98
CA GLY B 52 12.77 1.50 -7.40
C GLY B 52 12.04 0.23 -7.92
N PHE B 53 12.51 -0.31 -8.99
CA PHE B 53 12.00 -1.50 -9.68
C PHE B 53 12.78 -2.74 -9.28
N ILE B 54 12.17 -3.90 -9.19
CA ILE B 54 12.73 -5.19 -8.87
C ILE B 54 12.10 -6.19 -9.88
N LYS B 55 12.75 -7.34 -10.01
CA LYS B 55 12.27 -8.39 -10.91
C LYS B 55 11.58 -9.41 -10.02
N VAL B 56 10.49 -9.98 -10.42
CA VAL B 56 9.76 -10.97 -9.62
C VAL B 56 9.37 -12.08 -10.59
N ARG B 57 9.00 -13.18 -10.02
CA ARG B 57 8.52 -14.34 -10.81
C ARG B 57 6.99 -14.28 -10.72
N GLN B 58 6.33 -14.43 -11.84
CA GLN B 58 4.86 -14.40 -11.87
C GLN B 58 4.21 -15.74 -12.08
N TYR B 59 3.31 -16.14 -11.23
CA TYR B 59 2.55 -17.36 -11.29
C TYR B 59 1.06 -17.02 -11.43
N ASP B 60 0.38 -17.71 -12.34
CA ASP B 60 -1.03 -17.57 -12.53
C ASP B 60 -1.80 -18.76 -11.95
N GLN B 61 -3.01 -18.35 -11.62
CA GLN B 61 -4.03 -19.23 -11.12
C GLN B 61 -3.69 -19.87 -9.79
N ILE B 62 -3.20 -19.03 -8.89
CA ILE B 62 -2.85 -19.54 -7.55
C ILE B 62 -4.09 -19.34 -6.70
N LEU B 63 -4.48 -20.38 -6.04
CA LEU B 63 -5.62 -20.28 -5.12
C LEU B 63 -5.03 -19.82 -3.75
N ILE B 64 -5.64 -18.84 -3.20
CA ILE B 64 -5.27 -18.27 -1.93
C ILE B 64 -6.56 -18.10 -1.12
N GLU B 65 -6.53 -18.35 0.14
CA GLU B 65 -7.72 -18.13 1.00
C GLU B 65 -7.31 -16.97 1.90
N ILE B 66 -8.07 -15.91 1.82
CA ILE B 66 -7.78 -14.70 2.65
C ILE B 66 -8.97 -14.62 3.60
N CYS B 67 -8.69 -14.87 4.86
CA CYS B 67 -9.76 -14.87 5.88
C CYS B 67 -10.90 -15.78 5.45
N GLY B 68 -10.46 -16.94 5.00
CA GLY B 68 -11.43 -17.95 4.56
C GLY B 68 -12.12 -17.48 3.30
N HIS B 69 -11.66 -16.40 2.69
CA HIS B 69 -12.30 -16.02 1.40
C HIS B 69 -11.41 -16.64 0.31
N LYS B 70 -12.00 -17.46 -0.53
CA LYS B 70 -11.16 -18.05 -1.61
C LYS B 70 -10.96 -17.11 -2.76
N ALA B 71 -9.74 -16.97 -3.26
CA ALA B 71 -9.32 -16.15 -4.35
C ALA B 71 -8.44 -17.04 -5.24
N ILE B 72 -8.49 -16.78 -6.53
CA ILE B 72 -7.70 -17.49 -7.50
C ILE B 72 -7.13 -16.46 -8.47
N GLY B 73 -5.83 -16.25 -8.41
CA GLY B 73 -5.29 -15.25 -9.37
C GLY B 73 -3.80 -15.28 -9.44
N THR B 74 -3.28 -14.23 -9.98
CA THR B 74 -1.86 -13.98 -10.18
C THR B 74 -1.17 -13.62 -8.91
N VAL B 75 -0.04 -14.24 -8.61
CA VAL B 75 0.75 -14.02 -7.43
C VAL B 75 2.19 -13.80 -7.90
N LEU B 76 2.83 -12.84 -7.36
CA LEU B 76 4.21 -12.46 -7.69
C LEU B 76 5.05 -12.89 -6.49
N VAL B 77 6.28 -13.33 -6.77
CA VAL B 77 7.19 -13.78 -5.68
C VAL B 77 8.55 -13.10 -5.93
N GLY B 78 9.07 -12.44 -4.91
CA GLY B 78 10.33 -11.69 -4.98
C GLY B 78 10.57 -11.14 -3.57
N PRO B 79 11.63 -10.36 -3.48
CA PRO B 79 12.04 -9.75 -2.20
C PRO B 79 11.09 -8.68 -1.74
N THR B 80 10.17 -9.04 -0.90
CA THR B 80 9.24 -8.04 -0.35
C THR B 80 9.41 -8.06 1.14
N PRO B 81 9.30 -6.90 1.76
CA PRO B 81 9.40 -6.78 3.23
C PRO B 81 8.42 -7.71 3.94
N VAL B 82 7.22 -7.88 3.39
CA VAL B 82 6.15 -8.71 3.85
C VAL B 82 5.24 -9.08 2.67
N ASN B 83 4.51 -10.12 2.89
CA ASN B 83 3.53 -10.64 1.93
C ASN B 83 2.47 -9.55 1.80
N ILE B 84 2.12 -9.20 0.60
CA ILE B 84 1.18 -8.10 0.35
C ILE B 84 0.09 -8.63 -0.60
N ILE B 85 -1.15 -8.38 -0.26
CA ILE B 85 -2.32 -8.75 -1.06
C ILE B 85 -2.70 -7.44 -1.74
N GLY B 86 -2.53 -7.37 -3.06
CA GLY B 86 -2.80 -6.20 -3.87
C GLY B 86 -4.23 -6.19 -4.36
N ARG B 87 -4.59 -5.14 -5.08
CA ARG B 87 -5.95 -4.95 -5.59
C ARG B 87 -6.38 -6.11 -6.50
N ASN B 88 -5.43 -6.88 -7.06
CA ASN B 88 -5.95 -7.99 -7.95
C ASN B 88 -6.79 -8.99 -7.19
N LEU B 89 -6.40 -9.26 -5.96
CA LEU B 89 -7.06 -10.25 -5.09
C LEU B 89 -8.06 -9.55 -4.19
N LEU B 90 -7.80 -8.30 -3.84
CA LEU B 90 -8.68 -7.54 -2.96
C LEU B 90 -10.07 -7.42 -3.60
N THR B 91 -10.16 -7.19 -4.91
CA THR B 91 -11.38 -7.03 -5.61
C THR B 91 -12.11 -8.38 -5.70
N GLN B 92 -11.39 -9.45 -5.69
CA GLN B 92 -11.91 -10.82 -5.75
C GLN B 92 -12.60 -11.19 -4.47
N ILE B 93 -12.16 -10.66 -3.34
CA ILE B 93 -12.87 -10.99 -2.07
C ILE B 93 -13.85 -9.90 -1.70
N GLY B 94 -14.01 -8.90 -2.52
CA GLY B 94 -14.94 -7.81 -2.35
C GLY B 94 -14.48 -6.73 -1.39
N CYS B 95 -13.18 -6.52 -1.28
CA CYS B 95 -12.72 -5.43 -0.39
C CYS B 95 -12.94 -4.03 -0.93
N THR B 96 -13.42 -3.15 -0.04
CA THR B 96 -13.58 -1.73 -0.36
C THR B 96 -13.02 -0.89 0.79
N LEU B 97 -12.60 0.30 0.43
CA LEU B 97 -12.10 1.29 1.42
C LEU B 97 -13.35 2.19 1.73
N ASN B 98 -13.67 2.44 3.01
CA ASN B 98 -14.83 3.27 3.31
C ASN B 98 -14.48 4.38 4.29
N PHE B 99 -15.08 5.53 4.12
CA PHE B 99 -14.85 6.66 5.08
C PHE B 99 -15.93 7.70 4.76
C ACE C 1 8.58 2.38 6.96
C ACE C 1 3.50 -1.63 -10.96
O ACE C 1 9.47 2.47 6.10
O ACE C 1 4.69 -1.91 -11.06
CH3 ACE C 1 8.62 3.12 8.28
CH3 ACE C 1 2.51 -2.06 -12.10
N VAL C 2 7.47 1.67 6.65
N VAL C 2 2.90 -0.95 -9.98
CA VAL C 2 7.49 1.01 5.31
CA VAL C 2 3.54 -0.39 -8.78
C VAL C 2 6.29 1.45 4.48
C VAL C 2 2.84 -0.90 -7.52
N VAL C 3 6.48 1.35 3.16
N VAL C 3 3.70 -1.21 -6.55
CA VAL C 3 5.42 1.72 2.20
CA VAL C 3 3.23 -1.79 -5.26
C VAL C 3 5.27 0.66 1.13
C VAL C 3 3.83 -0.91 -4.15
N STA C 4 3.97 0.28 0.84
N STA C 4 2.94 -0.33 -3.33
CA STA C 4 3.92 -0.62 -0.38
CA STA C 4 3.48 0.63 -2.32
CB STA C 4 4.06 -2.05 0.22
CB STA C 4 3.14 2.04 -2.85
CG STA C 4 4.86 -2.23 1.52
CG STA C 4 3.93 2.58 -4.09
CD1 STA C 4 4.41 -3.42 2.37
CD1 STA C 4 3.10 3.64 -4.85
CD2 STA C 4 6.40 -2.31 1.30
CD2 STA C 4 5.31 3.13 -3.70
CH STA C 4 2.70 -0.27 -1.27
CH STA C 4 2.84 0.21 -0.97
OH STA C 4 1.93 0.79 -0.65
OH STA C 4 1.84 -0.81 -1.28
CM STA C 4 3.04 0.26 -2.72
CM STA C 4 3.80 -0.37 0.13
C STA C 4 3.95 -0.67 -3.52
C STA C 4 4.97 0.52 0.55
O STA C 4 5.17 -0.80 -3.30
O STA C 4 6.01 0.71 -0.10
N ALA C 5 3.29 -1.30 -4.49
N ALA C 5 4.83 1.08 1.76
CA ALA C 5 3.81 -1.59 -5.84
CA ALA C 5 5.93 1.74 2.48
C ALA C 5 2.85 -1.17 -6.94
C ALA C 5 6.03 1.26 3.92
N STA C 6 3.45 -0.50 -7.92
N STA C 6 7.25 0.84 4.33
CA STA C 6 2.84 -0.12 -9.20
CA STA C 6 7.38 0.38 5.72
CB STA C 6 2.89 1.46 -9.34
CB STA C 6 7.78 -1.11 5.71
CG STA C 6 2.05 2.24 -8.29
CG STA C 6 6.63 -2.16 5.69
CD1 STA C 6 2.82 2.31 -6.95
CD1 STA C 6 6.01 -2.33 4.27
CD2 STA C 6 1.65 3.62 -8.79
CD2 STA C 6 7.12 -3.51 6.23
CH STA C 6 3.56 -0.95 -10.29
CH STA C 6 8.30 1.39 6.45
OH STA C 6 5.01 -0.81 -10.20
OH STA C 6 9.61 1.34 5.85
CM STA C 6 3.24 -2.48 -10.23
CM STA C 6 7.80 2.87 6.46
C STA C 6 2.98 -3.03 -11.65
C STA C 6 8.32 3.59 7.74
O STA C 6 3.13 -2.35 -12.68
O STA C 6 9.18 3.07 8.47
OXT STA C 6 2.56 -4.32 -11.67
OXT STA C 6 7.74 4.79 8.01
CL CL D . 1.36 10.98 12.36
CL CL E . -5.40 -11.99 -10.86
#